data_4BCJ
#
_entry.id   4BCJ
#
_cell.length_a   174.590
_cell.length_b   174.590
_cell.length_c   99.420
_cell.angle_alpha   90.00
_cell.angle_beta   90.00
_cell.angle_gamma   120.00
#
_symmetry.space_group_name_H-M   'H 3'
#
loop_
_entity.id
_entity.type
_entity.pdbx_description
1 polymer 'CYCLIN-DEPENDENT KINASE 9'
2 polymer CYCLIN-T1
3 non-polymer 2-[(3-hydroxyphenyl)amino]-4-[4-methyl-2-(methylamino)-1,3-thiazol-5-yl]pyrimidine-5-carbonitrile
4 water water
#
loop_
_entity_poly.entity_id
_entity_poly.type
_entity_poly.pdbx_seq_one_letter_code
_entity_poly.pdbx_strand_id
1 'polypeptide(L)'
;GPAKQYDSVECPFCDEVSKYEKLAKIGQGTFGEVFKARHRKTGQKVALKKVLMENEKEGFPITALREIKILQLLKHENVV
NLIEICRTKASPYNRCKGSIYLVFDFCEHDLAGLLSNVLVKFTLSEIKRVMQMLLNGLYYIHRNKILHRDMKAANVLITR
DGVLKLADFGLARAFSLAKNSQPNRY(TPO)NRVVTLWYRPPELLLGERDYGPPIDLWGAGCIMAEMWTRSPIMQGNTEQ
HQLALISQLCGSITPEVWPNVDNYELYEKLELVKGQKRKVKDRLKAYVRDPYALDLIDKLLVLDPAQRIDSDDALNHDFF
WSDPMPSDLKGMLST
;
A
2 'polypeptide(L)'
;GPEGERKNNNKRWYFTREQLENSPSRRFGVDPDKELSYRQQAANLLQDMGQRLNVSQLTINTAIVYMHRFYMIQSFTRFP
GNSVAPAALFLAAKVEGQPKKLEHVIKVAHTCLHPQESLPDTRSEAYLQQVQDLVILESIILQTLGFELTIDHPHTHVVK
CTQLVRASKDLAQTSYFMATNSLHLTTFSLQYTPPVVACVCIHLACKWSNWEIPVSTDGKHWWEYVDATVTLELLDELTH
ELLQILEKTPNRLKRIWNWR
;
B
#
# COMPACT_ATOMS: atom_id res chain seq x y z
N ASP A 7 25.16 -21.40 6.46
CA ASP A 7 24.49 -22.16 5.38
C ASP A 7 23.45 -21.29 4.63
N SER A 8 23.67 -19.98 4.52
CA SER A 8 22.59 -19.05 4.13
C SER A 8 22.05 -19.15 2.68
N VAL A 9 21.03 -18.35 2.39
CA VAL A 9 20.09 -18.60 1.30
C VAL A 9 20.11 -17.56 0.18
N GLU A 10 19.40 -17.84 -0.91
CA GLU A 10 19.40 -16.99 -2.10
C GLU A 10 18.64 -15.72 -1.90
N CYS A 11 18.98 -14.70 -2.67
CA CYS A 11 18.33 -13.43 -2.43
C CYS A 11 18.50 -12.39 -3.54
N PRO A 12 18.13 -12.77 -4.77
CA PRO A 12 18.35 -12.02 -6.02
C PRO A 12 17.75 -10.62 -5.99
N PHE A 13 16.70 -10.44 -5.20
CA PHE A 13 15.85 -9.26 -5.32
C PHE A 13 15.91 -8.39 -4.08
N CYS A 14 16.88 -8.66 -3.23
CA CYS A 14 17.05 -7.87 -2.04
C CYS A 14 18.54 -7.76 -1.76
N ASP A 15 19.11 -6.62 -2.09
CA ASP A 15 20.55 -6.38 -1.92
C ASP A 15 20.90 -6.05 -0.48
N GLU A 16 22.12 -6.34 -0.06
CA GLU A 16 22.59 -5.93 1.27
C GLU A 16 22.83 -4.42 1.31
N VAL A 17 22.38 -3.78 2.39
CA VAL A 17 22.46 -2.31 2.53
C VAL A 17 23.93 -1.81 2.52
N SER A 18 24.83 -2.73 2.81
CA SER A 18 26.27 -2.42 2.84
C SER A 18 26.78 -1.89 1.50
N LYS A 19 26.00 -2.05 0.42
CA LYS A 19 26.38 -1.45 -0.86
C LYS A 19 26.40 0.06 -0.76
N TYR A 20 25.69 0.60 0.23
CA TYR A 20 25.73 2.04 0.50
C TYR A 20 26.69 2.28 1.65
N GLU A 21 27.46 3.34 1.56
CA GLU A 21 28.28 3.78 2.64
C GLU A 21 27.53 4.88 3.40
N LYS A 22 27.34 4.68 4.71
CA LYS A 22 26.68 5.69 5.51
C LYS A 22 27.47 6.98 5.64
N LEU A 23 26.76 8.11 5.64
CA LEU A 23 27.40 9.41 5.79
C LEU A 23 27.10 10.10 7.11
N ALA A 24 25.86 10.59 7.27
CA ALA A 24 25.49 11.33 8.46
C ALA A 24 23.98 11.28 8.76
N LYS A 25 23.65 11.01 10.03
CA LYS A 25 22.28 10.95 10.48
C LYS A 25 21.59 12.26 10.25
N ILE A 26 20.66 12.30 9.31
CA ILE A 26 19.81 13.48 9.14
C ILE A 26 18.68 13.50 10.16
N GLY A 27 17.99 12.38 10.30
CA GLY A 27 16.84 12.26 11.21
C GLY A 27 17.11 12.64 12.67
N GLN A 28 16.99 13.91 13.02
CA GLN A 28 17.21 14.33 14.40
C GLN A 28 16.11 13.85 15.34
N GLY A 29 16.33 14.07 16.64
CA GLY A 29 15.45 13.52 17.68
C GLY A 29 15.34 12.01 17.50
N THR A 30 16.44 11.39 17.09
CA THR A 30 16.46 9.97 16.70
C THR A 30 15.15 9.56 16.05
N PHE A 31 14.45 10.50 15.40
CA PHE A 31 13.19 10.16 14.71
C PHE A 31 13.43 9.47 13.37
N GLY A 32 13.23 8.15 13.39
CA GLY A 32 13.46 7.29 12.26
C GLY A 32 14.74 6.48 12.32
N GLU A 33 15.82 7.10 12.79
CA GLU A 33 17.16 6.55 12.50
C GLU A 33 17.33 6.59 10.97
N VAL A 34 17.28 7.82 10.46
CA VAL A 34 17.50 8.10 9.03
C VAL A 34 18.92 8.59 8.78
N PHE A 35 19.64 7.90 7.90
CA PHE A 35 21.01 8.27 7.52
C PHE A 35 21.09 8.77 6.07
N LYS A 36 22.02 9.67 5.81
CA LYS A 36 22.37 9.97 4.42
C LYS A 36 23.40 8.93 4.01
N ALA A 37 23.31 8.41 2.80
CA ALA A 37 24.40 7.54 2.33
C ALA A 37 24.80 7.72 0.88
N ARG A 38 25.92 7.09 0.57
CA ARG A 38 26.55 7.21 -0.74
C ARG A 38 26.77 5.83 -1.30
N HIS A 39 26.20 5.58 -2.46
CA HIS A 39 26.33 4.30 -3.12
C HIS A 39 27.81 4.06 -3.39
N ARG A 40 28.33 2.90 -3.02
CA ARG A 40 29.78 2.70 -2.98
C ARG A 40 30.47 2.75 -4.34
N LYS A 41 29.72 2.44 -5.40
CA LYS A 41 30.30 2.36 -6.74
C LYS A 41 30.14 3.62 -7.57
N THR A 42 28.96 4.25 -7.48
CA THR A 42 28.59 5.32 -8.39
C THR A 42 28.48 6.67 -7.73
N GLY A 43 28.43 6.69 -6.41
CA GLY A 43 28.49 8.00 -5.71
C GLY A 43 27.10 8.52 -5.48
N GLN A 44 26.14 7.96 -6.22
CA GLN A 44 24.74 8.26 -6.02
C GLN A 44 24.39 8.40 -4.55
N LYS A 45 23.79 9.51 -4.17
CA LYS A 45 23.40 9.74 -2.77
C LYS A 45 21.98 9.25 -2.53
N VAL A 46 21.71 8.70 -1.35
CA VAL A 46 20.38 8.21 -0.99
C VAL A 46 20.08 8.54 0.47
N ALA A 47 18.83 8.31 0.88
CA ALA A 47 18.46 8.31 2.29
C ALA A 47 18.06 6.92 2.72
N LEU A 48 18.55 6.47 3.86
CA LEU A 48 18.20 5.16 4.37
C LEU A 48 17.35 5.31 5.62
N LYS A 49 16.18 4.70 5.62
CA LYS A 49 15.43 4.53 6.88
C LYS A 49 15.44 3.08 7.31
N LYS A 50 15.91 2.81 8.52
CA LYS A 50 15.77 1.44 9.08
C LYS A 50 14.34 1.20 9.51
N VAL A 51 13.83 -0.02 9.33
CA VAL A 51 12.50 -0.41 9.86
C VAL A 51 12.70 -0.87 11.31
N LEU A 52 12.16 -0.10 12.25
CA LEU A 52 12.48 -0.27 13.64
C LEU A 52 12.14 -1.62 14.28
N MET A 53 10.86 -1.78 14.59
CA MET A 53 10.40 -3.05 15.18
C MET A 53 11.15 -3.54 16.44
N GLU A 54 11.50 -2.64 17.34
CA GLU A 54 11.96 -3.05 18.66
C GLU A 54 10.80 -3.64 19.43
N ASN A 55 9.60 -3.09 19.19
CA ASN A 55 8.41 -3.62 19.85
C ASN A 55 7.55 -4.62 19.07
N GLU A 56 7.77 -4.73 17.77
CA GLU A 56 7.08 -5.74 17.00
C GLU A 56 7.33 -7.17 17.56
N LYS A 57 6.26 -7.77 18.02
CA LYS A 57 6.26 -9.17 18.43
C LYS A 57 5.29 -9.94 17.53
N GLU A 58 5.03 -9.36 16.38
CA GLU A 58 4.10 -9.93 15.43
C GLU A 58 4.75 -9.95 14.05
N GLY A 59 5.96 -10.48 13.99
CA GLY A 59 6.71 -10.47 12.75
C GLY A 59 6.95 -9.06 12.20
N PHE A 60 7.21 -9.02 10.90
CA PHE A 60 7.41 -7.77 10.19
C PHE A 60 6.25 -6.80 10.38
N PRO A 61 6.54 -5.58 10.87
CA PRO A 61 5.53 -4.59 11.24
C PRO A 61 4.55 -4.37 10.09
N ILE A 62 3.26 -4.53 10.40
CA ILE A 62 2.21 -4.35 9.42
C ILE A 62 2.20 -2.92 8.91
N THR A 63 2.60 -1.99 9.75
CA THR A 63 2.69 -0.59 9.36
C THR A 63 3.76 -0.37 8.31
N ALA A 64 4.87 -1.08 8.47
CA ALA A 64 5.91 -1.05 7.43
C ALA A 64 5.33 -1.55 6.09
N LEU A 65 4.62 -2.68 6.15
CA LEU A 65 4.04 -3.29 4.97
C LEU A 65 3.15 -2.32 4.27
N ARG A 66 2.32 -1.61 5.04
CA ARG A 66 1.47 -0.58 4.46
C ARG A 66 2.27 0.48 3.71
N GLU A 67 3.18 1.16 4.43
CA GLU A 67 3.98 2.22 3.84
C GLU A 67 4.65 1.76 2.54
N ILE A 68 5.26 0.58 2.62
CA ILE A 68 5.92 0.01 1.45
C ILE A 68 4.92 -0.16 0.31
N LYS A 69 3.74 -0.70 0.60
CA LYS A 69 2.72 -0.87 -0.43
C LYS A 69 2.48 0.49 -1.12
N ILE A 70 2.43 1.53 -0.29
CA ILE A 70 2.10 2.88 -0.76
C ILE A 70 3.24 3.53 -1.56
N LEU A 71 4.48 3.50 -1.03
CA LEU A 71 5.59 4.08 -1.80
C LEU A 71 5.68 3.36 -3.15
N GLN A 72 5.39 2.06 -3.15
CA GLN A 72 5.49 1.30 -4.38
C GLN A 72 4.49 1.82 -5.40
N LEU A 73 3.28 2.11 -4.94
CA LEU A 73 2.24 2.66 -5.77
C LEU A 73 2.56 4.03 -6.31
N LEU A 74 2.85 5.00 -5.43
CA LEU A 74 3.04 6.39 -5.81
C LEU A 74 4.35 6.68 -6.55
N LYS A 75 4.27 6.97 -7.84
CA LYS A 75 5.41 7.41 -8.63
C LYS A 75 5.12 8.74 -9.32
N HIS A 76 5.68 9.83 -8.81
CA HIS A 76 5.32 11.13 -9.29
C HIS A 76 6.38 12.20 -8.96
N GLU A 77 6.59 13.14 -9.87
CA GLU A 77 7.60 14.17 -9.76
C GLU A 77 7.69 14.85 -8.39
N ASN A 78 6.58 14.97 -7.68
CA ASN A 78 6.54 15.64 -6.38
C ASN A 78 6.33 14.69 -5.20
N VAL A 79 6.61 13.42 -5.42
CA VAL A 79 6.58 12.46 -4.33
C VAL A 79 7.90 11.73 -4.22
N VAL A 80 8.43 11.71 -3.01
CA VAL A 80 9.72 11.09 -2.75
C VAL A 80 9.72 9.68 -3.32
N ASN A 81 10.87 9.23 -3.76
CA ASN A 81 10.98 7.97 -4.52
C ASN A 81 11.68 6.85 -3.78
N LEU A 82 10.95 5.75 -3.57
CA LEU A 82 11.58 4.60 -2.92
C LEU A 82 12.34 3.84 -3.99
N ILE A 83 13.65 3.73 -3.86
CA ILE A 83 14.45 3.10 -4.87
C ILE A 83 14.36 1.58 -4.77
N GLU A 84 14.27 1.09 -3.54
CA GLU A 84 14.35 -0.33 -3.27
C GLU A 84 14.37 -0.52 -1.76
N ILE A 85 14.29 -1.79 -1.36
CA ILE A 85 14.41 -2.18 0.03
C ILE A 85 15.63 -3.09 0.23
N CYS A 86 16.37 -2.89 1.31
CA CYS A 86 17.60 -3.61 1.51
C CYS A 86 17.62 -4.37 2.80
N ARG A 87 18.37 -5.46 2.78
CA ARG A 87 18.58 -6.29 3.96
C ARG A 87 19.98 -6.06 4.51
N THR A 88 20.32 -6.77 5.58
CA THR A 88 21.52 -6.47 6.31
C THR A 88 22.37 -7.69 6.27
N LYS A 89 21.74 -8.86 6.37
CA LYS A 89 22.49 -10.16 6.47
C LYS A 89 22.54 -10.70 7.90
N LYS A 97 19.19 -12.00 13.76
CA LYS A 97 19.82 -10.72 14.09
C LYS A 97 19.45 -9.55 13.15
N GLY A 98 19.12 -9.86 11.89
CA GLY A 98 19.12 -8.88 10.79
C GLY A 98 18.20 -7.67 10.89
N SER A 99 18.27 -6.79 9.89
CA SER A 99 17.43 -5.58 9.78
C SER A 99 17.09 -5.20 8.33
N ILE A 100 16.15 -4.27 8.20
CA ILE A 100 15.60 -3.92 6.88
C ILE A 100 15.59 -2.40 6.69
N TYR A 101 15.94 -1.97 5.48
CA TYR A 101 16.14 -0.55 5.21
C TYR A 101 15.36 -0.13 3.99
N LEU A 102 14.62 0.97 4.11
CA LEU A 102 13.99 1.56 2.95
C LEU A 102 15.03 2.50 2.36
N VAL A 103 15.17 2.48 1.03
CA VAL A 103 16.18 3.30 0.39
C VAL A 103 15.55 4.32 -0.55
N PHE A 104 15.83 5.60 -0.30
CA PHE A 104 15.23 6.71 -1.05
C PHE A 104 16.23 7.56 -1.82
N ASP A 105 15.78 8.12 -2.95
CA ASP A 105 16.51 9.21 -3.62
C ASP A 105 16.77 10.28 -2.55
N PHE A 106 18.02 10.75 -2.45
CA PHE A 106 18.33 11.79 -1.45
C PHE A 106 17.83 13.18 -1.84
N CYS A 107 17.31 13.94 -0.89
CA CYS A 107 16.85 15.31 -1.15
C CYS A 107 17.70 16.27 -0.37
N GLU A 108 18.27 17.26 -1.06
CA GLU A 108 19.14 18.22 -0.41
C GLU A 108 18.53 18.89 0.82
N HIS A 109 17.43 19.61 0.65
CA HIS A 109 16.85 20.38 1.78
C HIS A 109 15.51 19.83 2.26
N ASP A 110 15.12 20.22 3.46
CA ASP A 110 13.73 20.07 3.87
C ASP A 110 13.13 21.40 4.27
N LEU A 111 11.89 21.64 3.84
CA LEU A 111 11.24 22.92 3.99
C LEU A 111 11.35 23.52 5.40
N ALA A 112 11.25 22.68 6.44
CA ALA A 112 11.37 23.18 7.80
C ALA A 112 12.74 23.81 8.06
N GLY A 113 13.80 23.16 7.57
CA GLY A 113 15.15 23.65 7.73
C GLY A 113 15.37 25.02 7.09
N LEU A 114 14.64 25.27 6.00
CA LEU A 114 14.78 26.53 5.27
C LEU A 114 13.97 27.64 5.95
N LEU A 115 12.73 27.33 6.28
CA LEU A 115 11.86 28.28 6.96
C LEU A 115 12.44 28.74 8.30
N SER A 116 13.26 27.91 8.93
CA SER A 116 13.84 28.26 10.22
C SER A 116 15.11 29.08 10.03
N ASN A 117 15.87 28.75 9.00
CA ASN A 117 17.05 29.50 8.65
C ASN A 117 16.74 30.97 8.30
N VAL A 118 17.34 31.88 9.07
CA VAL A 118 17.14 33.30 8.90
C VAL A 118 17.81 33.88 7.64
N LEU A 119 18.87 33.23 7.18
CA LEU A 119 19.56 33.68 5.96
C LEU A 119 18.72 33.43 4.70
N VAL A 120 18.09 32.26 4.61
CA VAL A 120 17.27 31.88 3.47
C VAL A 120 16.21 32.92 3.17
N LYS A 121 15.92 33.18 1.89
CA LYS A 121 14.89 34.12 1.53
C LYS A 121 14.08 33.73 0.30
N PHE A 122 12.74 33.87 0.38
CA PHE A 122 11.86 33.56 -0.74
C PHE A 122 11.25 34.82 -1.35
N THR A 123 11.18 34.87 -2.68
CA THR A 123 10.40 35.90 -3.35
C THR A 123 8.95 35.44 -3.45
N LEU A 124 8.03 36.35 -3.72
CA LEU A 124 6.63 35.92 -3.91
C LEU A 124 6.54 34.88 -5.03
N SER A 125 7.40 35.05 -6.03
CA SER A 125 7.40 34.23 -7.23
C SER A 125 7.83 32.79 -6.91
N GLU A 126 8.80 32.67 -6.02
CA GLU A 126 9.33 31.36 -5.65
C GLU A 126 8.34 30.63 -4.73
N ILE A 127 7.78 31.36 -3.78
CA ILE A 127 6.79 30.78 -2.89
C ILE A 127 5.66 30.21 -3.72
N LYS A 128 5.21 30.94 -4.73
CA LYS A 128 4.11 30.45 -5.59
C LYS A 128 4.44 29.06 -6.15
N ARG A 129 5.69 28.91 -6.58
CA ARG A 129 6.14 27.69 -7.20
C ARG A 129 6.07 26.52 -6.21
N VAL A 130 6.62 26.75 -5.02
CA VAL A 130 6.60 25.75 -3.95
C VAL A 130 5.19 25.25 -3.69
N MET A 131 4.27 26.18 -3.43
CA MET A 131 2.89 25.82 -3.18
C MET A 131 2.27 25.04 -4.35
N GLN A 132 2.70 25.39 -5.56
CA GLN A 132 2.19 24.75 -6.75
C GLN A 132 2.63 23.30 -6.82
N MET A 133 3.91 23.06 -6.57
CA MET A 133 4.42 21.69 -6.58
C MET A 133 3.74 20.88 -5.47
N LEU A 134 3.66 21.45 -4.27
CA LEU A 134 3.07 20.77 -3.14
C LEU A 134 1.62 20.37 -3.43
N LEU A 135 0.82 21.34 -3.86
CA LEU A 135 -0.57 21.09 -4.21
C LEU A 135 -0.70 20.07 -5.34
N ASN A 136 0.27 20.07 -6.26
CA ASN A 136 0.26 19.07 -7.32
C ASN A 136 0.45 17.67 -6.74
N GLY A 137 1.44 17.53 -5.85
CA GLY A 137 1.66 16.28 -5.17
C GLY A 137 0.39 15.79 -4.48
N LEU A 138 -0.25 16.69 -3.72
CA LEU A 138 -1.51 16.35 -3.06
C LEU A 138 -2.55 15.85 -4.06
N TYR A 139 -2.73 16.58 -5.15
CA TYR A 139 -3.69 16.20 -6.15
C TYR A 139 -3.46 14.75 -6.57
N TYR A 140 -2.20 14.43 -6.76
CA TYR A 140 -1.79 13.14 -7.29
C TYR A 140 -2.10 12.00 -6.34
N ILE A 141 -1.70 12.12 -5.07
CA ILE A 141 -1.81 10.96 -4.17
C ILE A 141 -3.29 10.73 -3.83
N HIS A 142 -4.07 11.81 -3.77
CA HIS A 142 -5.50 11.70 -3.59
C HIS A 142 -6.19 11.02 -4.76
N ARG A 143 -5.78 11.39 -5.98
CA ARG A 143 -6.22 10.72 -7.20
C ARG A 143 -6.00 9.22 -7.05
N ASN A 144 -4.99 8.88 -6.25
CA ASN A 144 -4.58 7.52 -6.05
C ASN A 144 -5.10 6.90 -4.79
N LYS A 145 -6.10 7.54 -4.19
CA LYS A 145 -6.78 6.97 -3.03
C LYS A 145 -5.86 6.86 -1.83
N ILE A 146 -4.91 7.76 -1.69
CA ILE A 146 -4.05 7.74 -0.53
C ILE A 146 -4.17 9.03 0.27
N LEU A 147 -4.23 8.90 1.59
CA LEU A 147 -4.24 10.02 2.50
C LEU A 147 -2.88 10.05 3.17
N HIS A 148 -2.27 11.23 3.22
CA HIS A 148 -0.93 11.35 3.75
C HIS A 148 -0.94 11.36 5.27
N ARG A 149 -1.84 12.14 5.85
CA ARG A 149 -2.10 12.13 7.29
C ARG A 149 -0.96 12.63 8.16
N ASP A 150 0.07 13.19 7.55
CA ASP A 150 1.14 13.77 8.34
C ASP A 150 1.75 14.98 7.64
N MET A 151 0.87 15.84 7.15
CA MET A 151 1.31 17.10 6.53
C MET A 151 2.07 17.97 7.52
N LYS A 152 3.32 18.29 7.20
CA LYS A 152 4.03 19.32 7.96
C LYS A 152 5.23 19.84 7.19
N ALA A 153 5.63 21.07 7.52
CA ALA A 153 6.84 21.65 6.94
C ALA A 153 7.94 20.59 6.85
N ALA A 154 8.14 19.87 7.96
CA ALA A 154 9.27 18.95 8.06
C ALA A 154 9.21 17.80 7.04
N ASN A 155 8.00 17.41 6.67
CA ASN A 155 7.80 16.29 5.75
C ASN A 155 7.82 16.68 4.27
N VAL A 156 8.22 17.94 4.01
CA VAL A 156 8.26 18.45 2.65
C VAL A 156 9.71 18.72 2.26
N LEU A 157 10.23 17.96 1.32
CA LEU A 157 11.62 18.13 0.92
C LEU A 157 11.76 18.88 -0.37
N ILE A 158 12.93 19.50 -0.59
CA ILE A 158 13.23 20.13 -1.87
C ILE A 158 14.60 19.70 -2.36
N THR A 159 14.66 19.19 -3.58
CA THR A 159 15.90 18.72 -4.19
C THR A 159 16.81 19.85 -4.60
N ARG A 160 18.11 19.55 -4.70
CA ARG A 160 19.11 20.58 -4.99
C ARG A 160 18.73 21.36 -6.22
N ASP A 161 17.90 20.78 -7.09
CA ASP A 161 17.51 21.43 -8.34
C ASP A 161 16.11 22.06 -8.27
N GLY A 162 15.58 22.17 -7.06
CA GLY A 162 14.39 22.97 -6.84
C GLY A 162 13.09 22.24 -7.12
N VAL A 163 13.11 20.91 -7.04
CA VAL A 163 11.86 20.16 -7.15
C VAL A 163 11.42 19.74 -5.74
N LEU A 164 10.16 20.02 -5.42
CA LEU A 164 9.59 19.66 -4.11
C LEU A 164 9.11 18.21 -4.09
N LYS A 165 9.37 17.52 -2.97
CA LYS A 165 8.91 16.15 -2.78
C LYS A 165 8.16 16.04 -1.48
N LEU A 166 6.99 15.39 -1.53
CA LEU A 166 6.28 15.05 -0.31
C LEU A 166 6.89 13.75 0.24
N ALA A 167 7.14 13.72 1.53
CA ALA A 167 7.91 12.64 2.13
C ALA A 167 7.23 12.03 3.34
N ASP A 168 7.79 10.91 3.82
CA ASP A 168 7.34 10.30 5.06
C ASP A 168 5.91 9.81 4.98
N PHE A 169 5.71 8.64 4.40
CA PHE A 169 4.37 8.05 4.32
C PHE A 169 4.10 7.04 5.43
N GLY A 170 4.85 7.15 6.52
CA GLY A 170 4.77 6.20 7.63
C GLY A 170 3.37 6.09 8.19
N LEU A 171 2.70 7.24 8.22
CA LEU A 171 1.38 7.35 8.80
C LEU A 171 0.31 7.32 7.71
N ALA A 172 0.74 7.34 6.45
CA ALA A 172 -0.21 7.38 5.35
C ALA A 172 -1.01 6.07 5.25
N ARG A 173 -2.07 6.10 4.46
CA ARG A 173 -3.00 5.01 4.38
C ARG A 173 -3.95 5.20 3.19
N ALA A 174 -4.42 4.09 2.62
CA ALA A 174 -5.37 4.16 1.49
C ALA A 174 -6.79 4.48 2.01
N PHE A 175 -7.62 5.08 1.17
CA PHE A 175 -9.00 5.36 1.57
C PHE A 175 -9.95 5.07 0.42
N SER A 176 -11.26 5.10 0.72
CA SER A 176 -12.27 4.79 -0.30
C SER A 176 -13.64 5.38 0.03
N LEU A 177 -14.69 4.75 -0.47
CA LEU A 177 -16.07 5.17 -0.20
C LEU A 177 -16.88 4.02 0.39
N ALA A 178 -17.92 4.33 1.16
CA ALA A 178 -18.70 3.31 1.87
C ALA A 178 -19.32 2.30 0.91
N PRO A 183 -20.01 3.14 6.12
CA PRO A 183 -19.48 4.45 6.48
C PRO A 183 -18.09 4.37 7.12
N ASN A 184 -17.09 5.01 6.51
CA ASN A 184 -15.70 4.87 6.87
C ASN A 184 -15.38 4.88 8.37
N ARG A 185 -14.41 4.07 8.78
CA ARG A 185 -14.08 3.93 10.19
C ARG A 185 -12.61 4.06 10.46
N TYR A 186 -12.02 5.23 10.17
CA TYR A 186 -10.55 5.35 10.20
C TYR A 186 -9.98 5.76 11.57
N ASN A 188 -8.33 7.86 14.45
CA ASN A 188 -8.46 9.29 14.62
C ASN A 188 -7.20 10.09 14.96
N ARG A 189 -6.43 9.62 15.92
CA ARG A 189 -5.28 10.37 16.39
C ARG A 189 -4.16 10.36 15.35
N VAL A 190 -4.44 10.93 14.19
CA VAL A 190 -3.43 11.10 13.15
C VAL A 190 -3.09 12.57 12.89
N VAL A 191 -1.90 12.81 12.33
CA VAL A 191 -1.42 14.15 12.00
C VAL A 191 -0.85 14.87 13.22
N THR A 192 0.31 15.51 13.07
CA THR A 192 0.84 16.37 14.10
C THR A 192 -0.22 17.32 14.63
N LEU A 193 -0.19 17.55 15.94
CA LEU A 193 -1.18 18.43 16.57
C LEU A 193 -1.35 19.80 15.87
N TRP A 194 -0.24 20.47 15.58
CA TRP A 194 -0.34 21.84 15.05
C TRP A 194 -0.97 21.89 13.66
N TYR A 195 -0.84 20.77 12.95
CA TYR A 195 -1.23 20.71 11.56
C TYR A 195 -2.52 19.90 11.41
N ARG A 196 -3.05 19.44 12.55
CA ARG A 196 -4.28 18.68 12.55
C ARG A 196 -5.49 19.59 12.38
N PRO A 197 -6.44 19.14 11.55
CA PRO A 197 -7.68 19.82 11.22
C PRO A 197 -8.79 19.59 12.26
N PRO A 198 -9.77 20.51 12.31
CA PRO A 198 -10.91 20.46 13.25
C PRO A 198 -11.58 19.09 13.29
N GLU A 199 -11.92 18.56 12.11
CA GLU A 199 -12.62 17.26 12.01
C GLU A 199 -12.05 16.27 13.02
N LEU A 200 -10.75 16.03 12.93
CA LEU A 200 -10.12 15.00 13.73
C LEU A 200 -10.23 15.32 15.23
N LEU A 201 -9.97 16.58 15.58
CA LEU A 201 -9.99 16.97 16.99
C LEU A 201 -11.37 16.75 17.61
N LEU A 202 -12.41 16.89 16.79
CA LEU A 202 -13.77 16.68 17.23
C LEU A 202 -14.17 15.21 17.20
N GLY A 203 -13.21 14.34 16.85
CA GLY A 203 -13.43 12.91 16.84
C GLY A 203 -13.93 12.29 15.56
N GLU A 204 -13.72 12.93 14.40
CA GLU A 204 -14.15 12.32 13.13
C GLU A 204 -13.30 11.09 12.76
N ARG A 205 -13.97 10.04 12.29
CA ARG A 205 -13.30 8.84 11.81
C ARG A 205 -13.69 8.54 10.37
N ASP A 206 -14.63 9.32 9.86
CA ASP A 206 -15.04 9.23 8.47
C ASP A 206 -14.56 10.51 7.79
N TYR A 207 -13.25 10.63 7.66
CA TYR A 207 -12.65 11.82 7.07
C TYR A 207 -11.99 11.43 5.76
N GLY A 208 -11.50 12.42 5.00
CA GLY A 208 -10.87 12.15 3.71
C GLY A 208 -9.88 13.22 3.31
N PRO A 209 -9.57 13.29 2.01
CA PRO A 209 -8.57 14.20 1.44
C PRO A 209 -8.55 15.58 2.06
N PRO A 210 -9.72 16.11 2.45
CA PRO A 210 -9.72 17.47 2.98
C PRO A 210 -8.78 17.69 4.18
N ILE A 211 -8.43 16.65 4.92
CA ILE A 211 -7.55 16.83 6.08
C ILE A 211 -6.14 17.21 5.65
N ASP A 212 -5.71 16.70 4.49
CA ASP A 212 -4.39 17.07 3.98
C ASP A 212 -4.33 18.53 3.56
N LEU A 213 -5.46 19.04 3.08
CA LEU A 213 -5.47 20.43 2.60
C LEU A 213 -5.40 21.43 3.75
N TRP A 214 -6.01 21.08 4.87
CA TRP A 214 -5.88 21.82 6.08
C TRP A 214 -4.41 21.96 6.41
N GLY A 215 -3.69 20.85 6.26
CA GLY A 215 -2.24 20.87 6.49
C GLY A 215 -1.58 21.87 5.54
N ALA A 216 -1.96 21.80 4.28
CA ALA A 216 -1.35 22.63 3.25
C ALA A 216 -1.49 24.07 3.67
N GLY A 217 -2.67 24.39 4.22
CA GLY A 217 -2.93 25.74 4.69
C GLY A 217 -1.89 26.21 5.71
N CYS A 218 -1.68 25.42 6.75
CA CYS A 218 -0.75 25.77 7.82
C CYS A 218 0.65 25.99 7.27
N ILE A 219 1.03 25.17 6.29
CA ILE A 219 2.33 25.27 5.66
C ILE A 219 2.41 26.52 4.81
N MET A 220 1.37 26.78 4.02
CA MET A 220 1.38 27.95 3.15
C MET A 220 1.66 29.20 3.99
N ALA A 221 0.92 29.35 5.09
CA ALA A 221 1.08 30.49 5.98
C ALA A 221 2.49 30.52 6.54
N GLU A 222 3.01 29.34 6.84
CA GLU A 222 4.35 29.20 7.43
C GLU A 222 5.41 29.74 6.47
N MET A 223 5.04 29.87 5.19
CA MET A 223 5.95 30.36 4.16
C MET A 223 6.30 31.85 4.38
N TRP A 224 5.41 32.56 5.09
CA TRP A 224 5.65 33.96 5.41
C TRP A 224 5.99 34.15 6.87
N THR A 225 5.21 33.51 7.75
CA THR A 225 5.43 33.66 9.20
C THR A 225 6.69 32.92 9.64
N ARG A 226 7.21 32.06 8.77
CA ARG A 226 8.45 31.37 9.07
C ARG A 226 8.36 30.57 10.36
N SER A 227 7.13 30.25 10.77
CA SER A 227 6.94 29.54 12.01
C SER A 227 5.53 28.97 12.15
N PRO A 228 5.43 27.68 12.52
CA PRO A 228 4.15 27.01 12.70
C PRO A 228 3.19 27.94 13.40
N ILE A 229 2.03 28.18 12.79
CA ILE A 229 1.14 29.29 13.20
C ILE A 229 0.31 29.04 14.47
N MET A 230 -0.26 27.85 14.60
CA MET A 230 -1.05 27.51 15.80
C MET A 230 -0.44 26.30 16.55
N GLN A 231 0.31 26.58 17.61
CA GLN A 231 1.03 25.54 18.34
C GLN A 231 0.40 25.13 19.66
N GLY A 232 -0.72 24.42 19.59
CA GLY A 232 -1.42 24.01 20.83
C GLY A 232 -0.62 23.00 21.64
N ASN A 233 -0.92 22.91 22.93
CA ASN A 233 -0.26 22.00 23.83
C ASN A 233 -1.05 20.70 23.99
N THR A 234 -2.38 20.84 23.93
CA THR A 234 -3.27 19.68 23.90
C THR A 234 -4.37 19.94 22.88
N GLU A 235 -5.18 18.94 22.57
CA GLU A 235 -6.30 19.14 21.64
C GLU A 235 -7.22 20.27 22.10
N GLN A 236 -7.50 20.32 23.40
CA GLN A 236 -8.32 21.43 23.92
C GLN A 236 -7.70 22.76 23.46
N HIS A 237 -6.40 22.87 23.72
CA HIS A 237 -5.67 24.10 23.47
C HIS A 237 -5.64 24.39 21.97
N GLN A 238 -5.39 23.34 21.19
CA GLN A 238 -5.29 23.48 19.73
C GLN A 238 -6.59 24.13 19.27
N LEU A 239 -7.72 23.50 19.62
CA LEU A 239 -9.02 23.95 19.20
C LEU A 239 -9.33 25.36 19.66
N ALA A 240 -8.78 25.74 20.78
CA ALA A 240 -8.85 27.13 21.23
C ALA A 240 -8.24 28.02 20.15
N LEU A 241 -6.99 27.74 19.82
CA LEU A 241 -6.23 28.58 18.89
C LEU A 241 -6.97 28.71 17.57
N ILE A 242 -7.44 27.59 17.03
CA ILE A 242 -8.18 27.56 15.78
C ILE A 242 -9.41 28.46 15.80
N SER A 243 -10.12 28.46 16.91
CA SER A 243 -11.32 29.31 17.03
C SER A 243 -10.93 30.79 17.05
N GLN A 244 -9.76 31.08 17.59
CA GLN A 244 -9.24 32.42 17.66
C GLN A 244 -8.68 32.90 16.33
N LEU A 245 -8.64 32.02 15.35
CA LEU A 245 -8.17 32.37 14.01
C LEU A 245 -9.27 32.24 12.95
N CYS A 246 -10.04 31.16 13.01
CA CYS A 246 -11.04 30.90 11.98
C CYS A 246 -12.47 31.21 12.40
N GLY A 247 -12.64 31.67 13.64
CA GLY A 247 -13.97 31.87 14.19
C GLY A 247 -14.33 30.62 14.98
N SER A 248 -15.55 30.57 15.51
CA SER A 248 -15.93 29.43 16.32
C SER A 248 -16.89 28.48 15.61
N ILE A 249 -16.80 27.21 15.98
CA ILE A 249 -17.50 26.14 15.28
C ILE A 249 -19.00 26.21 15.54
N THR A 250 -19.74 26.73 14.56
CA THR A 250 -21.20 26.83 14.69
C THR A 250 -21.86 25.98 13.64
N PRO A 251 -22.82 25.13 14.05
CA PRO A 251 -23.62 24.43 13.03
C PRO A 251 -23.97 25.40 11.91
N GLU A 252 -23.92 26.71 12.20
CA GLU A 252 -24.23 27.69 11.19
C GLU A 252 -23.09 27.77 10.19
N VAL A 253 -21.89 27.96 10.71
CA VAL A 253 -20.69 28.06 9.92
C VAL A 253 -20.24 26.70 9.43
N TRP A 254 -20.38 25.68 10.28
CA TRP A 254 -20.07 24.30 9.93
C TRP A 254 -21.30 23.40 10.12
N PRO A 255 -22.12 23.29 9.07
CA PRO A 255 -23.39 22.54 9.07
C PRO A 255 -23.24 21.12 9.59
N ASN A 256 -23.89 20.82 10.72
CA ASN A 256 -23.88 19.47 11.28
C ASN A 256 -22.67 19.13 12.17
N VAL A 257 -21.84 20.15 12.41
CA VAL A 257 -20.81 20.02 13.45
C VAL A 257 -21.42 19.57 14.76
N ASP A 258 -22.62 20.03 15.04
CA ASP A 258 -23.34 19.58 16.24
C ASP A 258 -23.92 18.19 16.09
N ASN A 259 -23.04 17.19 16.05
CA ASN A 259 -23.44 15.78 15.91
C ASN A 259 -22.28 14.93 16.48
N TYR A 260 -21.17 15.59 16.78
CA TYR A 260 -20.04 14.91 17.39
C TYR A 260 -20.32 14.93 18.88
N GLU A 261 -19.97 13.84 19.55
CA GLU A 261 -20.10 13.79 20.99
C GLU A 261 -19.11 14.75 21.61
N LEU A 262 -17.88 14.78 21.09
CA LEU A 262 -16.82 15.63 21.61
C LEU A 262 -17.10 17.12 21.41
N TYR A 263 -18.32 17.44 20.97
CA TYR A 263 -18.71 18.79 20.58
C TYR A 263 -18.97 19.66 21.82
N GLU A 264 -19.93 19.24 22.64
CA GLU A 264 -20.25 19.98 23.87
C GLU A 264 -19.50 19.47 25.09
N LYS A 265 -18.93 18.28 24.95
CA LYS A 265 -18.05 17.68 25.95
C LYS A 265 -16.58 18.17 25.81
N LEU A 266 -16.42 19.38 25.29
CA LEU A 266 -15.11 19.99 25.05
C LEU A 266 -15.35 21.44 24.73
N GLU A 267 -16.58 21.89 24.99
CA GLU A 267 -17.06 23.17 24.50
C GLU A 267 -16.01 24.27 24.58
N LEU A 268 -15.77 24.92 23.44
CA LEU A 268 -14.95 26.12 23.45
C LEU A 268 -15.71 27.41 23.11
N VAL A 269 -15.13 28.54 23.50
CA VAL A 269 -15.86 29.81 23.56
C VAL A 269 -16.44 30.18 22.21
N LYS A 270 -17.52 30.95 22.20
CA LYS A 270 -18.26 31.20 20.98
C LYS A 270 -18.45 32.68 20.62
N GLY A 271 -17.69 33.56 21.27
CA GLY A 271 -17.64 34.95 20.82
C GLY A 271 -16.41 35.20 19.95
N GLN A 272 -16.40 34.61 18.77
CA GLN A 272 -15.17 34.47 17.98
C GLN A 272 -15.45 34.56 16.47
N LYS A 273 -14.76 35.50 15.81
CA LYS A 273 -14.96 35.71 14.39
C LYS A 273 -13.65 35.62 13.62
N ARG A 274 -13.73 35.12 12.38
CA ARG A 274 -12.54 34.77 11.61
C ARG A 274 -11.55 35.91 11.43
N LYS A 275 -10.32 35.69 11.89
CA LYS A 275 -9.25 36.66 11.69
C LYS A 275 -8.16 36.12 10.74
N VAL A 276 -8.53 35.13 9.94
CA VAL A 276 -7.57 34.46 9.05
C VAL A 276 -6.89 35.48 8.16
N LYS A 277 -7.70 36.31 7.52
CA LYS A 277 -7.15 37.36 6.65
C LYS A 277 -6.53 38.48 7.47
N ASP A 278 -7.23 38.93 8.50
CA ASP A 278 -6.76 40.08 9.30
C ASP A 278 -5.42 39.82 9.98
N ARG A 279 -5.31 38.67 10.64
CA ARG A 279 -4.17 38.38 11.48
C ARG A 279 -2.92 38.07 10.65
N LEU A 280 -3.14 37.64 9.40
CA LEU A 280 -2.06 37.30 8.50
C LEU A 280 -1.74 38.42 7.51
N LYS A 281 -2.66 39.37 7.42
CA LYS A 281 -2.52 40.56 6.55
C LYS A 281 -1.11 41.11 6.57
N ALA A 282 -0.51 41.14 7.75
CA ALA A 282 0.87 41.63 7.94
C ALA A 282 1.86 40.85 7.09
N TYR A 283 2.03 39.57 7.43
CA TYR A 283 3.04 38.73 6.80
C TYR A 283 2.86 38.51 5.30
N VAL A 284 1.62 38.26 4.88
CA VAL A 284 1.30 38.17 3.47
C VAL A 284 0.88 39.55 2.94
N ARG A 285 1.56 40.02 1.92
CA ARG A 285 1.04 41.15 1.14
C ARG A 285 -0.06 40.74 0.14
N ASP A 286 0.22 39.74 -0.69
CA ASP A 286 -0.60 39.48 -1.89
C ASP A 286 -2.05 39.14 -1.53
N PRO A 287 -3.00 39.92 -2.07
CA PRO A 287 -4.43 39.68 -1.84
C PRO A 287 -4.81 38.24 -2.25
N TYR A 288 -4.16 37.77 -3.33
CA TYR A 288 -4.40 36.42 -3.83
C TYR A 288 -3.94 35.38 -2.84
N ALA A 289 -2.69 35.49 -2.40
CA ALA A 289 -2.12 34.50 -1.49
C ALA A 289 -2.97 34.41 -0.21
N LEU A 290 -3.40 35.56 0.29
CA LEU A 290 -4.31 35.59 1.42
C LEU A 290 -5.62 34.89 1.15
N ASP A 291 -6.23 35.16 0.00
CA ASP A 291 -7.51 34.55 -0.34
C ASP A 291 -7.39 33.02 -0.43
N LEU A 292 -6.31 32.55 -1.03
CA LEU A 292 -6.09 31.11 -1.16
C LEU A 292 -5.91 30.43 0.21
N ILE A 293 -5.09 31.06 1.06
CA ILE A 293 -4.86 30.51 2.40
C ILE A 293 -6.19 30.37 3.13
N ASP A 294 -6.98 31.44 3.00
CA ASP A 294 -8.26 31.50 3.66
C ASP A 294 -9.20 30.38 3.19
N LYS A 295 -9.11 30.01 1.92
CA LYS A 295 -9.90 28.91 1.38
C LYS A 295 -9.42 27.52 1.79
N LEU A 296 -8.16 27.45 2.21
CA LEU A 296 -7.59 26.18 2.72
C LEU A 296 -7.94 25.99 4.20
N LEU A 297 -7.79 27.07 4.96
CA LEU A 297 -8.05 27.01 6.40
C LEU A 297 -9.53 27.21 6.72
N VAL A 298 -10.37 26.48 6.00
CA VAL A 298 -11.81 26.50 6.17
C VAL A 298 -12.20 25.43 7.20
N LEU A 299 -13.14 25.76 8.08
CA LEU A 299 -13.54 24.83 9.16
C LEU A 299 -14.18 23.54 8.65
N ASP A 300 -15.29 23.68 7.93
CA ASP A 300 -16.01 22.52 7.46
C ASP A 300 -15.22 21.88 6.31
N PRO A 301 -14.73 20.65 6.53
CA PRO A 301 -13.97 19.90 5.52
C PRO A 301 -14.74 19.83 4.20
N ALA A 302 -16.05 19.80 4.27
CA ALA A 302 -16.87 19.71 3.06
C ALA A 302 -16.74 20.98 2.23
N GLN A 303 -16.46 22.10 2.88
CA GLN A 303 -16.46 23.39 2.20
C GLN A 303 -15.01 23.86 1.96
N ARG A 304 -14.07 23.06 2.44
CA ARG A 304 -12.65 23.34 2.24
C ARG A 304 -12.22 23.07 0.82
N ILE A 305 -11.45 23.98 0.23
CA ILE A 305 -10.97 23.83 -1.14
C ILE A 305 -10.18 22.55 -1.37
N ASP A 306 -10.30 21.96 -2.55
CA ASP A 306 -9.52 20.76 -2.88
C ASP A 306 -8.34 21.11 -3.79
N SER A 307 -7.46 20.14 -4.00
CA SER A 307 -6.22 20.43 -4.69
C SER A 307 -6.49 20.96 -6.10
N ASP A 308 -7.52 20.44 -6.75
CA ASP A 308 -7.80 20.83 -8.12
C ASP A 308 -8.15 22.31 -8.22
N ASP A 309 -9.06 22.75 -7.36
CA ASP A 309 -9.48 24.14 -7.36
C ASP A 309 -8.38 25.06 -6.86
N ALA A 310 -7.56 24.56 -5.96
CA ALA A 310 -6.50 25.35 -5.40
C ALA A 310 -5.51 25.65 -6.51
N LEU A 311 -5.22 24.64 -7.33
CA LEU A 311 -4.25 24.83 -8.40
C LEU A 311 -4.75 25.84 -9.42
N ASN A 312 -6.05 25.97 -9.51
CA ASN A 312 -6.69 26.88 -10.46
C ASN A 312 -6.87 28.29 -9.89
N HIS A 313 -6.62 28.44 -8.60
CA HIS A 313 -6.76 29.73 -7.91
C HIS A 313 -5.92 30.82 -8.56
N ASP A 314 -6.50 32.02 -8.63
CA ASP A 314 -5.86 33.14 -9.34
C ASP A 314 -4.45 33.45 -8.85
N PHE A 315 -4.14 32.97 -7.65
CA PHE A 315 -2.80 33.07 -7.08
C PHE A 315 -1.73 32.51 -8.03
N PHE A 316 -2.06 31.41 -8.72
CA PHE A 316 -1.05 30.79 -9.59
C PHE A 316 -1.07 31.35 -11.00
N TRP A 317 -2.03 32.24 -11.26
CA TRP A 317 -2.22 32.75 -12.62
C TRP A 317 -2.23 34.29 -12.67
N SER A 318 -1.51 34.88 -11.74
CA SER A 318 -1.34 36.31 -11.67
C SER A 318 0.14 36.64 -11.50
N ASP A 319 0.48 37.94 -11.51
CA ASP A 319 1.89 38.32 -11.41
C ASP A 319 2.31 38.56 -9.98
N PRO A 320 3.55 38.17 -9.63
CA PRO A 320 4.48 37.50 -10.54
C PRO A 320 4.12 36.06 -10.71
N MET A 321 4.22 35.53 -11.93
CA MET A 321 4.02 34.10 -12.16
C MET A 321 5.03 33.29 -11.37
N PRO A 322 4.68 32.02 -11.07
CA PRO A 322 5.58 31.11 -10.30
C PRO A 322 6.92 30.94 -11.00
N SER A 323 8.04 30.97 -10.27
CA SER A 323 9.35 30.87 -10.88
C SER A 323 10.13 29.63 -10.44
N ASP A 324 11.27 29.41 -11.10
CA ASP A 324 12.23 28.39 -10.67
C ASP A 324 12.89 28.67 -9.32
N LEU A 325 13.53 27.64 -8.76
CA LEU A 325 14.30 27.76 -7.52
C LEU A 325 15.84 27.73 -7.62
N LYS A 326 16.47 28.80 -7.12
CA LYS A 326 17.93 28.88 -7.00
C LYS A 326 18.36 29.17 -5.54
N GLY A 327 18.09 30.38 -5.07
CA GLY A 327 18.30 30.67 -3.66
C GLY A 327 16.97 30.74 -2.93
N ASN B 9 10.16 -5.67 -12.77
CA ASN B 9 9.09 -5.14 -13.67
C ASN B 9 8.04 -6.16 -14.06
N ASN B 10 7.41 -5.93 -15.22
CA ASN B 10 6.28 -6.75 -15.70
C ASN B 10 6.65 -8.22 -15.94
N LYS B 11 7.94 -8.48 -16.22
CA LYS B 11 8.44 -9.81 -16.61
C LYS B 11 9.18 -10.57 -15.52
N ARG B 12 9.40 -9.93 -14.37
CA ARG B 12 10.21 -10.56 -13.33
C ARG B 12 9.59 -11.88 -12.93
N TRP B 13 8.32 -11.82 -12.55
CA TRP B 13 7.67 -12.97 -11.96
C TRP B 13 6.89 -13.81 -12.95
N TYR B 14 7.24 -13.72 -14.23
CA TYR B 14 6.61 -14.57 -15.25
C TYR B 14 7.68 -15.39 -15.96
N PHE B 15 7.41 -16.68 -16.17
CA PHE B 15 8.41 -17.60 -16.64
C PHE B 15 7.97 -18.35 -17.87
N THR B 16 8.94 -18.72 -18.70
CA THR B 16 8.71 -19.49 -19.91
C THR B 16 8.54 -20.94 -19.46
N ARG B 17 8.11 -21.81 -20.36
CA ARG B 17 8.03 -23.26 -20.02
C ARG B 17 9.44 -23.78 -19.70
N GLU B 18 10.42 -23.32 -20.46
CA GLU B 18 11.79 -23.80 -20.29
C GLU B 18 12.33 -23.42 -18.91
N GLN B 19 11.95 -22.23 -18.46
CA GLN B 19 12.37 -21.72 -17.16
C GLN B 19 11.66 -22.51 -16.07
N LEU B 20 10.45 -22.96 -16.36
CA LEU B 20 9.68 -23.69 -15.37
C LEU B 20 10.23 -25.09 -15.17
N GLU B 21 10.74 -25.68 -16.23
CA GLU B 21 11.46 -26.93 -16.13
C GLU B 21 12.73 -26.82 -15.28
N ASN B 22 13.51 -25.77 -15.51
CA ASN B 22 14.73 -25.54 -14.73
C ASN B 22 14.49 -24.85 -13.40
N SER B 23 13.57 -25.40 -12.62
CA SER B 23 13.23 -24.81 -11.31
C SER B 23 14.33 -25.07 -10.29
N PRO B 24 14.46 -24.17 -9.29
CA PRO B 24 15.50 -24.35 -8.29
C PRO B 24 15.48 -25.79 -7.77
N SER B 25 14.29 -26.39 -7.75
CA SER B 25 14.11 -27.70 -7.20
C SER B 25 14.62 -28.78 -8.14
N ARG B 26 14.30 -28.69 -9.44
CA ARG B 26 14.80 -29.68 -10.43
C ARG B 26 16.33 -29.76 -10.29
N ARG B 27 16.92 -28.64 -9.90
CA ARG B 27 18.34 -28.53 -9.66
C ARG B 27 18.85 -29.39 -8.51
N PHE B 28 17.99 -29.60 -7.51
CA PHE B 28 18.28 -30.58 -6.47
C PHE B 28 17.54 -31.92 -6.66
N GLY B 29 17.40 -32.38 -7.89
CA GLY B 29 16.94 -33.72 -8.13
C GLY B 29 15.48 -34.03 -8.02
N VAL B 30 14.68 -32.99 -7.83
CA VAL B 30 13.24 -33.16 -7.65
C VAL B 30 12.58 -33.27 -9.02
N ASP B 31 11.90 -34.38 -9.26
CA ASP B 31 11.15 -34.54 -10.48
C ASP B 31 10.14 -33.42 -10.69
N PRO B 32 9.91 -33.06 -11.96
CA PRO B 32 8.93 -32.03 -12.28
C PRO B 32 7.52 -32.47 -11.89
N ASP B 33 7.26 -33.76 -12.04
CA ASP B 33 5.98 -34.32 -11.58
C ASP B 33 5.81 -34.19 -10.08
N LYS B 34 6.87 -34.55 -9.36
CA LYS B 34 6.88 -34.47 -7.90
C LYS B 34 6.62 -33.03 -7.48
N GLU B 35 7.40 -32.11 -8.06
CA GLU B 35 7.33 -30.72 -7.67
C GLU B 35 5.92 -30.18 -7.70
N LEU B 36 5.18 -30.45 -8.78
CA LEU B 36 3.81 -29.90 -8.90
C LEU B 36 2.99 -30.38 -7.70
N SER B 37 3.32 -31.60 -7.25
CA SER B 37 2.65 -32.19 -6.10
C SER B 37 2.92 -31.39 -4.84
N TYR B 38 4.20 -31.11 -4.59
CA TYR B 38 4.58 -30.23 -3.50
C TYR B 38 3.79 -28.93 -3.54
N ARG B 39 3.62 -28.37 -4.74
CA ARG B 39 2.87 -27.11 -4.88
C ARG B 39 1.42 -27.31 -4.48
N GLN B 40 0.76 -28.29 -5.08
CA GLN B 40 -0.64 -28.52 -4.78
C GLN B 40 -0.80 -28.77 -3.29
N GLN B 41 0.15 -29.49 -2.72
CA GLN B 41 0.03 -29.83 -1.33
C GLN B 41 -0.03 -28.53 -0.56
N ALA B 42 0.98 -27.69 -0.76
CA ALA B 42 1.01 -26.43 -0.01
C ALA B 42 -0.31 -25.71 -0.14
N ALA B 43 -0.75 -25.48 -1.38
CA ALA B 43 -2.04 -24.85 -1.69
C ALA B 43 -3.16 -25.41 -0.80
N ASN B 44 -3.31 -26.74 -0.75
CA ASN B 44 -4.26 -27.35 0.18
C ASN B 44 -4.03 -26.91 1.63
N LEU B 45 -2.77 -26.99 2.08
CA LEU B 45 -2.46 -26.63 3.47
C LEU B 45 -2.95 -25.20 3.67
N LEU B 46 -2.65 -24.35 2.69
CA LEU B 46 -3.04 -22.97 2.75
C LEU B 46 -4.56 -22.87 2.84
N GLN B 47 -5.25 -23.60 1.96
CA GLN B 47 -6.70 -23.57 1.96
C GLN B 47 -7.32 -24.01 3.30
N ASP B 48 -6.86 -25.15 3.79
CA ASP B 48 -7.41 -25.73 5.01
C ASP B 48 -7.19 -24.79 6.21
N MET B 49 -5.95 -24.38 6.42
CA MET B 49 -5.59 -23.41 7.47
C MET B 49 -6.39 -22.13 7.31
N GLY B 50 -6.44 -21.64 6.07
CA GLY B 50 -7.03 -20.31 5.82
C GLY B 50 -8.48 -20.31 6.27
N GLN B 51 -9.13 -21.43 6.01
CA GLN B 51 -10.55 -21.57 6.34
C GLN B 51 -10.76 -21.67 7.83
N ARG B 52 -9.86 -22.38 8.51
CA ARG B 52 -10.04 -22.55 9.98
C ARG B 52 -9.71 -21.23 10.69
N LEU B 53 -8.79 -20.44 10.09
CA LEU B 53 -8.49 -19.11 10.62
C LEU B 53 -9.52 -18.10 10.17
N ASN B 54 -10.42 -18.53 9.31
CA ASN B 54 -11.54 -17.70 8.92
C ASN B 54 -11.11 -16.44 8.22
N VAL B 55 -10.11 -16.52 7.34
CA VAL B 55 -9.76 -15.42 6.48
C VAL B 55 -10.49 -15.59 5.14
N SER B 56 -10.47 -14.54 4.32
CA SER B 56 -11.07 -14.55 3.02
C SER B 56 -10.35 -15.43 2.01
N GLN B 57 -11.09 -15.88 0.99
CA GLN B 57 -10.47 -16.66 -0.08
C GLN B 57 -9.46 -15.79 -0.79
N LEU B 58 -9.65 -14.47 -0.70
CA LEU B 58 -8.70 -13.56 -1.35
C LEU B 58 -7.27 -13.81 -0.77
N THR B 59 -7.14 -13.62 0.55
CA THR B 59 -5.91 -13.85 1.26
C THR B 59 -5.34 -15.25 0.99
N ILE B 60 -6.21 -16.25 1.09
CA ILE B 60 -5.74 -17.61 0.79
C ILE B 60 -4.99 -17.62 -0.55
N ASN B 61 -5.57 -16.93 -1.54
CA ASN B 61 -5.03 -16.87 -2.88
C ASN B 61 -3.73 -16.09 -2.93
N THR B 62 -3.68 -14.97 -2.20
CA THR B 62 -2.49 -14.13 -2.15
C THR B 62 -1.37 -14.97 -1.55
N ALA B 63 -1.68 -15.73 -0.50
CA ALA B 63 -0.66 -16.62 0.10
C ALA B 63 -0.19 -17.64 -0.93
N ILE B 64 -1.14 -18.30 -1.60
CA ILE B 64 -0.79 -19.22 -2.66
C ILE B 64 0.13 -18.67 -3.75
N VAL B 65 -0.07 -17.42 -4.18
CA VAL B 65 0.84 -16.85 -5.19
C VAL B 65 2.24 -16.71 -4.58
N TYR B 66 2.30 -16.14 -3.36
CA TYR B 66 3.59 -15.94 -2.71
C TYR B 66 4.34 -17.27 -2.72
N MET B 67 3.62 -18.33 -2.36
CA MET B 67 4.18 -19.66 -2.37
C MET B 67 4.72 -20.08 -3.72
N HIS B 68 3.90 -19.98 -4.76
CA HIS B 68 4.38 -20.35 -6.09
C HIS B 68 5.65 -19.59 -6.42
N ARG B 69 5.64 -18.28 -6.21
CA ARG B 69 6.80 -17.46 -6.56
C ARG B 69 8.03 -17.80 -5.73
N PHE B 70 7.84 -17.95 -4.44
CA PHE B 70 8.92 -18.33 -3.55
C PHE B 70 9.65 -19.52 -4.13
N TYR B 71 8.92 -20.51 -4.61
CA TYR B 71 9.55 -21.73 -5.08
C TYR B 71 10.10 -21.70 -6.48
N MET B 72 10.18 -20.52 -7.08
CA MET B 72 10.90 -20.34 -8.32
C MET B 72 12.27 -19.78 -8.00
N ILE B 73 12.48 -19.46 -6.73
CA ILE B 73 13.78 -18.99 -6.28
C ILE B 73 14.37 -19.99 -5.28
N GLN B 74 13.51 -20.45 -4.36
CA GLN B 74 13.93 -21.42 -3.38
C GLN B 74 13.57 -22.84 -3.79
N SER B 75 14.32 -23.79 -3.25
CA SER B 75 14.07 -25.20 -3.58
C SER B 75 13.30 -25.91 -2.48
N PHE B 76 12.48 -26.86 -2.90
CA PHE B 76 11.59 -27.56 -1.99
C PHE B 76 12.43 -28.37 -1.07
N THR B 77 13.58 -28.77 -1.56
CA THR B 77 14.45 -29.61 -0.76
C THR B 77 15.06 -28.87 0.43
N ARG B 78 15.07 -27.55 0.36
CA ARG B 78 15.62 -26.72 1.43
C ARG B 78 14.55 -26.02 2.28
N PHE B 79 13.39 -25.76 1.69
CA PHE B 79 12.27 -25.20 2.44
C PHE B 79 11.03 -26.00 2.17
N PRO B 80 10.59 -26.75 3.15
CA PRO B 80 9.47 -27.64 3.00
C PRO B 80 8.14 -26.88 2.98
N GLY B 81 7.20 -27.33 2.16
CA GLY B 81 5.91 -26.66 2.06
C GLY B 81 5.25 -26.46 3.42
N ASN B 82 5.30 -27.47 4.29
CA ASN B 82 4.69 -27.34 5.62
C ASN B 82 5.29 -26.26 6.50
N SER B 83 6.41 -25.66 6.07
CA SER B 83 7.04 -24.58 6.83
C SER B 83 6.72 -23.24 6.21
N VAL B 84 6.87 -23.15 4.89
CA VAL B 84 6.53 -21.97 4.13
C VAL B 84 5.04 -21.57 4.20
N ALA B 85 4.15 -22.55 4.10
CA ALA B 85 2.72 -22.27 3.95
C ALA B 85 2.21 -21.40 5.09
N PRO B 86 2.38 -21.88 6.32
CA PRO B 86 1.94 -21.04 7.46
C PRO B 86 2.59 -19.67 7.44
N ALA B 87 3.91 -19.61 7.20
CA ALA B 87 4.57 -18.31 7.11
C ALA B 87 3.93 -17.37 6.09
N ALA B 88 3.78 -17.88 4.87
CA ALA B 88 3.18 -17.13 3.78
C ALA B 88 1.74 -16.71 4.09
N LEU B 89 0.97 -17.60 4.71
CA LEU B 89 -0.40 -17.23 5.10
C LEU B 89 -0.39 -16.09 6.13
N PHE B 90 0.37 -16.28 7.21
CA PHE B 90 0.55 -15.21 8.18
C PHE B 90 0.78 -13.84 7.52
N LEU B 91 1.62 -13.85 6.48
CA LEU B 91 2.00 -12.64 5.78
C LEU B 91 0.84 -12.08 4.95
N ALA B 92 0.32 -12.90 4.05
CA ALA B 92 -0.78 -12.49 3.18
C ALA B 92 -1.91 -11.86 3.99
N ALA B 93 -2.21 -12.46 5.13
CA ALA B 93 -3.26 -11.93 5.99
C ALA B 93 -2.94 -10.50 6.45
N LYS B 94 -1.66 -10.19 6.62
CA LYS B 94 -1.30 -8.87 7.20
C LYS B 94 -1.51 -7.94 6.04
N VAL B 95 -0.92 -8.30 4.92
CA VAL B 95 -1.03 -7.55 3.68
C VAL B 95 -2.48 -7.31 3.24
N GLU B 96 -3.38 -8.28 3.40
CA GLU B 96 -4.75 -8.05 2.99
C GLU B 96 -5.62 -7.42 4.09
N GLY B 97 -4.99 -6.85 5.12
CA GLY B 97 -5.73 -6.14 6.16
C GLY B 97 -6.63 -7.05 6.98
N GLN B 98 -6.31 -8.34 6.99
CA GLN B 98 -7.04 -9.34 7.77
C GLN B 98 -6.02 -10.04 8.66
N PRO B 99 -5.33 -9.28 9.51
CA PRO B 99 -4.15 -9.77 10.19
C PRO B 99 -4.55 -10.85 11.20
N LYS B 100 -3.75 -11.91 11.27
CA LYS B 100 -4.01 -12.97 12.26
C LYS B 100 -2.86 -13.05 13.24
N LYS B 101 -3.19 -13.26 14.52
CA LYS B 101 -2.17 -13.25 15.55
C LYS B 101 -1.17 -14.39 15.37
N LEU B 102 0.10 -14.08 15.59
CA LEU B 102 1.17 -15.04 15.36
C LEU B 102 0.93 -16.33 16.13
N GLU B 103 0.51 -16.20 17.39
CA GLU B 103 0.24 -17.38 18.23
C GLU B 103 -0.88 -18.23 17.63
N HIS B 104 -1.86 -17.54 17.06
CA HIS B 104 -3.05 -18.14 16.54
C HIS B 104 -2.77 -18.87 15.22
N VAL B 105 -1.88 -18.31 14.41
CA VAL B 105 -1.52 -19.00 13.17
C VAL B 105 -0.72 -20.25 13.54
N ILE B 106 0.20 -20.14 14.49
CA ILE B 106 0.99 -21.28 14.91
C ILE B 106 0.11 -22.44 15.38
N LYS B 107 -0.91 -22.10 16.15
CA LYS B 107 -1.81 -23.06 16.72
C LYS B 107 -2.56 -23.82 15.64
N VAL B 108 -3.09 -23.10 14.65
CA VAL B 108 -3.86 -23.75 13.60
C VAL B 108 -2.98 -24.60 12.69
N ALA B 109 -1.82 -24.08 12.35
CA ALA B 109 -0.84 -24.84 11.56
C ALA B 109 -0.49 -26.16 12.25
N HIS B 110 -0.42 -26.12 13.58
CA HIS B 110 -0.09 -27.31 14.33
C HIS B 110 -1.17 -28.37 14.12
N THR B 111 -2.41 -28.02 14.44
CA THR B 111 -3.46 -29.02 14.45
C THR B 111 -3.75 -29.49 13.02
N CYS B 112 -3.33 -28.71 12.05
CA CYS B 112 -3.54 -29.06 10.65
C CYS B 112 -2.54 -30.13 10.27
N LEU B 113 -1.31 -29.97 10.72
CA LEU B 113 -0.23 -30.89 10.37
C LEU B 113 -0.06 -32.02 11.37
N HIS B 114 -0.79 -31.98 12.47
CA HIS B 114 -0.60 -32.91 13.56
C HIS B 114 -1.90 -33.13 14.33
N PRO B 115 -2.97 -33.46 13.62
CA PRO B 115 -4.30 -33.52 14.22
C PRO B 115 -4.18 -34.30 15.52
N GLN B 116 -3.17 -35.16 15.57
CA GLN B 116 -3.01 -36.08 16.67
C GLN B 116 -2.13 -35.49 17.77
N GLU B 117 -1.06 -34.82 17.38
CA GLU B 117 -0.11 -34.28 18.30
C GLU B 117 -0.80 -33.48 19.40
N SER B 118 -0.14 -33.43 20.54
CA SER B 118 -0.56 -32.63 21.68
C SER B 118 0.05 -31.22 21.59
N LEU B 119 -0.77 -30.18 21.61
CA LEU B 119 -0.20 -28.83 21.45
C LEU B 119 0.72 -28.46 22.61
N PRO B 120 1.91 -27.94 22.30
CA PRO B 120 2.90 -27.67 23.35
C PRO B 120 2.47 -26.57 24.32
N ASP B 121 2.99 -26.64 25.53
CA ASP B 121 2.78 -25.60 26.53
C ASP B 121 3.46 -24.34 26.01
N THR B 122 2.67 -23.31 25.71
CA THR B 122 3.19 -22.08 25.12
C THR B 122 4.42 -21.57 25.84
N ARG B 123 4.68 -22.10 27.04
CA ARG B 123 5.83 -21.69 27.82
C ARG B 123 7.09 -22.42 27.40
N SER B 124 6.96 -23.52 26.68
CA SER B 124 8.09 -24.33 26.34
C SER B 124 9.12 -23.61 25.50
N GLU B 125 10.37 -24.06 25.61
CA GLU B 125 11.47 -23.60 24.78
C GLU B 125 11.22 -24.08 23.37
N ALA B 126 10.68 -25.29 23.25
CA ALA B 126 10.41 -25.88 21.97
C ALA B 126 9.29 -25.12 21.25
N TYR B 127 8.43 -24.46 22.02
CA TYR B 127 7.39 -23.61 21.43
C TYR B 127 7.94 -22.23 21.07
N LEU B 128 8.61 -21.60 22.04
CA LEU B 128 9.25 -20.32 21.81
C LEU B 128 10.09 -20.36 20.53
N GLN B 129 10.78 -21.48 20.33
CA GLN B 129 11.66 -21.65 19.18
C GLN B 129 10.86 -21.67 17.89
N GLN B 130 9.71 -22.34 17.91
CA GLN B 130 8.95 -22.51 16.66
C GLN B 130 8.23 -21.23 16.33
N VAL B 131 8.02 -20.36 17.32
CA VAL B 131 7.46 -19.03 17.04
C VAL B 131 8.55 -18.30 16.26
N GLN B 132 9.71 -18.14 16.89
CA GLN B 132 10.83 -17.48 16.20
C GLN B 132 11.06 -18.08 14.80
N ASP B 133 10.82 -19.38 14.66
CA ASP B 133 11.04 -20.04 13.36
C ASP B 133 10.14 -19.50 12.27
N LEU B 134 8.88 -19.27 12.59
CA LEU B 134 7.91 -18.74 11.63
C LEU B 134 8.36 -17.37 11.16
N VAL B 135 8.51 -16.45 12.12
CA VAL B 135 9.01 -15.14 11.86
C VAL B 135 10.26 -15.08 11.00
N ILE B 136 11.26 -15.91 11.31
CA ILE B 136 12.45 -15.93 10.46
C ILE B 136 11.99 -16.18 9.00
N LEU B 137 11.14 -17.18 8.84
CA LEU B 137 10.71 -17.59 7.53
C LEU B 137 9.98 -16.49 6.77
N GLU B 138 9.08 -15.80 7.45
CA GLU B 138 8.31 -14.71 6.83
C GLU B 138 9.31 -13.69 6.27
N SER B 139 10.38 -13.47 7.02
CA SER B 139 11.44 -12.57 6.55
C SER B 139 12.11 -13.10 5.27
N ILE B 140 12.46 -14.38 5.29
CA ILE B 140 13.04 -15.02 4.12
C ILE B 140 12.13 -14.98 2.90
N ILE B 141 10.83 -15.01 3.14
CA ILE B 141 9.86 -14.81 2.06
C ILE B 141 9.89 -13.38 1.50
N LEU B 142 9.78 -12.38 2.38
CA LEU B 142 9.86 -10.98 1.92
C LEU B 142 11.08 -10.77 1.01
N GLN B 143 12.24 -11.22 1.46
CA GLN B 143 13.50 -10.92 0.78
C GLN B 143 13.56 -11.71 -0.50
N THR B 144 12.82 -12.81 -0.53
CA THR B 144 12.78 -13.60 -1.75
C THR B 144 11.93 -12.85 -2.76
N LEU B 145 10.80 -12.32 -2.32
CA LEU B 145 9.91 -11.60 -3.20
C LEU B 145 10.36 -10.16 -3.44
N GLY B 146 11.46 -9.77 -2.81
CA GLY B 146 11.96 -8.40 -2.97
C GLY B 146 10.84 -7.44 -2.61
N PHE B 147 10.18 -7.75 -1.51
CA PHE B 147 9.17 -6.87 -0.96
C PHE B 147 8.04 -6.50 -1.87
N GLU B 148 7.85 -7.29 -2.91
CA GLU B 148 6.74 -7.10 -3.85
C GLU B 148 5.54 -7.96 -3.50
N LEU B 149 4.60 -7.38 -2.76
CA LEU B 149 3.53 -8.16 -2.16
C LEU B 149 2.16 -7.77 -2.68
N THR B 150 2.06 -6.67 -3.42
CA THR B 150 0.80 -6.34 -4.05
C THR B 150 0.50 -7.38 -5.16
N ILE B 151 -0.46 -8.25 -4.90
CA ILE B 151 -0.79 -9.25 -5.88
C ILE B 151 -1.94 -8.81 -6.73
N ASP B 152 -2.19 -9.48 -7.84
CA ASP B 152 -3.43 -9.26 -8.61
C ASP B 152 -3.97 -10.63 -9.04
N HIS B 153 -5.23 -10.92 -8.72
CA HIS B 153 -5.75 -12.27 -8.99
C HIS B 153 -6.79 -12.26 -10.10
N PRO B 154 -6.89 -13.39 -10.82
CA PRO B 154 -7.82 -13.48 -11.94
C PRO B 154 -9.23 -13.06 -11.52
N HIS B 155 -9.58 -13.28 -10.26
CA HIS B 155 -10.97 -13.14 -9.80
C HIS B 155 -11.53 -11.77 -10.12
N THR B 156 -10.78 -10.73 -9.80
CA THR B 156 -11.19 -9.39 -10.17
C THR B 156 -11.75 -9.46 -11.59
N HIS B 157 -10.90 -9.89 -12.52
CA HIS B 157 -11.19 -9.86 -13.94
C HIS B 157 -12.33 -10.79 -14.35
N VAL B 158 -12.68 -11.72 -13.46
CA VAL B 158 -13.75 -12.66 -13.75
C VAL B 158 -15.08 -11.94 -13.81
N VAL B 159 -15.52 -11.38 -12.70
CA VAL B 159 -16.74 -10.59 -12.66
C VAL B 159 -16.79 -9.67 -13.87
N LYS B 160 -15.75 -8.88 -14.04
CA LYS B 160 -15.69 -7.87 -15.10
C LYS B 160 -16.13 -8.49 -16.41
N CYS B 161 -15.60 -9.68 -16.69
CA CYS B 161 -15.87 -10.36 -17.92
C CYS B 161 -17.24 -11.02 -17.91
N THR B 162 -17.43 -11.98 -17.02
CA THR B 162 -18.68 -12.73 -16.97
C THR B 162 -19.91 -11.84 -17.06
N GLN B 163 -19.88 -10.74 -16.30
CA GLN B 163 -20.95 -9.73 -16.35
C GLN B 163 -21.16 -9.27 -17.80
N LEU B 164 -20.06 -8.86 -18.45
CA LEU B 164 -20.13 -8.25 -19.75
C LEU B 164 -20.35 -9.30 -20.83
N VAL B 165 -20.33 -10.56 -20.45
CA VAL B 165 -20.72 -11.66 -21.34
C VAL B 165 -22.20 -12.00 -21.10
N ARG B 166 -22.79 -11.37 -20.08
CA ARG B 166 -24.15 -11.64 -19.67
C ARG B 166 -24.45 -13.12 -19.41
N ALA B 167 -23.81 -13.66 -18.38
CA ALA B 167 -23.90 -15.08 -18.14
C ALA B 167 -24.56 -15.36 -16.79
N SER B 168 -25.42 -16.38 -16.76
CA SER B 168 -26.20 -16.69 -15.57
C SER B 168 -25.42 -16.61 -14.27
N LYS B 169 -26.14 -16.45 -13.15
CA LYS B 169 -25.51 -16.46 -11.80
C LYS B 169 -24.63 -17.73 -11.71
N ASP B 170 -25.22 -18.86 -12.08
CA ASP B 170 -24.54 -20.17 -12.01
C ASP B 170 -23.25 -20.18 -12.82
N LEU B 171 -23.33 -19.81 -14.10
CA LEU B 171 -22.14 -19.81 -14.98
C LEU B 171 -21.00 -19.06 -14.29
N ALA B 172 -21.33 -17.90 -13.75
CA ALA B 172 -20.36 -17.07 -13.09
C ALA B 172 -19.71 -17.75 -11.91
N GLN B 173 -20.46 -18.50 -11.11
CA GLN B 173 -19.86 -19.22 -9.96
C GLN B 173 -18.86 -20.26 -10.43
N THR B 174 -19.24 -21.02 -11.45
CA THR B 174 -18.36 -22.01 -12.06
C THR B 174 -17.05 -21.38 -12.53
N SER B 175 -17.14 -20.17 -13.06
CA SER B 175 -15.96 -19.44 -13.52
C SER B 175 -15.00 -19.14 -12.37
N TYR B 176 -15.51 -18.66 -11.23
CA TYR B 176 -14.61 -18.41 -10.08
C TYR B 176 -14.05 -19.73 -9.52
N PHE B 177 -14.88 -20.77 -9.59
CA PHE B 177 -14.46 -22.10 -9.23
C PHE B 177 -13.22 -22.49 -10.02
N MET B 178 -13.28 -22.29 -11.33
CA MET B 178 -12.14 -22.51 -12.18
C MET B 178 -10.99 -21.65 -11.74
N ALA B 179 -11.24 -20.36 -11.51
CA ALA B 179 -10.20 -19.46 -11.01
C ALA B 179 -9.48 -20.02 -9.80
N THR B 180 -10.23 -20.28 -8.73
CA THR B 180 -9.61 -20.68 -7.47
C THR B 180 -8.86 -22.01 -7.67
N ASN B 181 -9.41 -22.86 -8.51
CA ASN B 181 -8.72 -24.14 -8.72
C ASN B 181 -7.46 -24.04 -9.56
N SER B 182 -7.45 -23.17 -10.57
CA SER B 182 -6.23 -23.01 -11.38
C SER B 182 -5.08 -22.59 -10.45
N LEU B 183 -5.41 -21.92 -9.35
CA LEU B 183 -4.34 -21.53 -8.42
C LEU B 183 -3.80 -22.71 -7.64
N HIS B 184 -4.69 -23.60 -7.18
CA HIS B 184 -4.23 -24.77 -6.44
C HIS B 184 -3.54 -25.74 -7.37
N LEU B 185 -4.12 -25.91 -8.55
CA LEU B 185 -3.78 -27.04 -9.38
C LEU B 185 -2.77 -26.74 -10.45
N THR B 186 -2.48 -25.49 -10.75
CA THR B 186 -1.58 -25.24 -11.89
C THR B 186 -0.65 -24.10 -11.59
N THR B 187 0.34 -23.93 -12.46
CA THR B 187 1.25 -22.79 -12.37
C THR B 187 0.89 -21.70 -13.37
N PHE B 188 -0.40 -21.53 -13.65
CA PHE B 188 -0.80 -20.56 -14.67
C PHE B 188 -0.41 -19.18 -14.19
N SER B 189 -0.56 -18.94 -12.90
CA SER B 189 -0.24 -17.63 -12.34
C SER B 189 1.23 -17.25 -12.50
N LEU B 190 2.09 -18.22 -12.74
CA LEU B 190 3.50 -17.95 -12.99
C LEU B 190 3.82 -17.71 -14.46
N GLN B 191 2.86 -17.93 -15.35
CA GLN B 191 3.12 -17.86 -16.77
C GLN B 191 2.19 -16.91 -17.49
N TYR B 192 0.99 -16.68 -16.93
CA TYR B 192 0.05 -15.83 -17.62
C TYR B 192 -0.62 -14.79 -16.73
N THR B 193 -0.83 -13.59 -17.28
CA THR B 193 -1.36 -12.47 -16.52
C THR B 193 -2.80 -12.69 -16.10
N PRO B 194 -3.13 -12.32 -14.86
CA PRO B 194 -4.44 -12.56 -14.29
C PRO B 194 -5.57 -12.44 -15.30
N PRO B 195 -5.51 -11.40 -16.14
CA PRO B 195 -6.51 -11.15 -17.16
C PRO B 195 -6.63 -12.27 -18.19
N VAL B 196 -5.50 -12.74 -18.69
CA VAL B 196 -5.47 -13.87 -19.63
C VAL B 196 -6.02 -15.13 -18.97
N VAL B 197 -5.53 -15.43 -17.77
CA VAL B 197 -6.02 -16.59 -17.04
C VAL B 197 -7.51 -16.55 -16.83
N ALA B 198 -8.05 -15.35 -16.63
CA ALA B 198 -9.51 -15.23 -16.42
C ALA B 198 -10.26 -15.73 -17.65
N CYS B 199 -9.75 -15.37 -18.83
CA CYS B 199 -10.42 -15.79 -20.08
C CYS B 199 -10.41 -17.31 -20.12
N VAL B 200 -9.31 -17.91 -19.66
CA VAL B 200 -9.18 -19.38 -19.67
C VAL B 200 -10.26 -20.02 -18.81
N CYS B 201 -10.44 -19.46 -17.62
CA CYS B 201 -11.46 -19.93 -16.67
C CYS B 201 -12.89 -19.80 -17.20
N ILE B 202 -13.18 -18.68 -17.85
CA ILE B 202 -14.52 -18.44 -18.38
C ILE B 202 -14.74 -19.36 -19.58
N HIS B 203 -13.72 -19.48 -20.43
CA HIS B 203 -13.83 -20.35 -21.62
C HIS B 203 -14.26 -21.74 -21.18
N LEU B 204 -13.53 -22.32 -20.23
CA LEU B 204 -13.83 -23.67 -19.75
C LEU B 204 -15.19 -23.73 -19.06
N ALA B 205 -15.48 -22.70 -18.27
CA ALA B 205 -16.78 -22.67 -17.57
C ALA B 205 -17.92 -22.82 -18.57
N CYS B 206 -17.71 -22.27 -19.76
CA CYS B 206 -18.73 -22.33 -20.82
C CYS B 206 -18.75 -23.72 -21.41
N LYS B 207 -17.58 -24.23 -21.80
CA LYS B 207 -17.48 -25.59 -22.31
C LYS B 207 -18.12 -26.62 -21.38
N TRP B 208 -17.89 -26.47 -20.09
CA TRP B 208 -18.46 -27.35 -19.10
C TRP B 208 -19.96 -27.29 -19.03
N SER B 209 -20.57 -26.15 -19.35
CA SER B 209 -22.00 -25.97 -19.12
C SER B 209 -22.76 -25.93 -20.42
N ASN B 210 -22.05 -26.15 -21.53
CA ASN B 210 -22.63 -26.02 -22.85
C ASN B 210 -23.19 -24.64 -23.11
N TRP B 211 -22.71 -23.61 -22.44
CA TRP B 211 -22.97 -22.24 -22.83
C TRP B 211 -22.07 -21.86 -24.00
N GLU B 212 -22.66 -21.21 -25.00
CA GLU B 212 -21.85 -20.61 -26.06
C GLU B 212 -22.19 -19.14 -26.16
N ILE B 213 -21.17 -18.29 -26.15
CA ILE B 213 -21.44 -16.84 -26.27
C ILE B 213 -21.18 -16.37 -27.68
N PRO B 214 -22.25 -15.90 -28.35
CA PRO B 214 -22.22 -15.63 -29.79
C PRO B 214 -21.37 -14.38 -30.11
N VAL B 215 -20.92 -14.29 -31.35
CA VAL B 215 -19.94 -13.29 -31.74
C VAL B 215 -20.54 -11.89 -31.74
N SER B 216 -19.82 -10.93 -31.17
CA SER B 216 -20.25 -9.53 -31.17
C SER B 216 -20.88 -9.15 -32.50
N THR B 217 -21.47 -7.95 -32.55
CA THR B 217 -21.96 -7.40 -33.80
C THR B 217 -20.85 -7.26 -34.85
N ASP B 218 -19.61 -7.44 -34.40
CA ASP B 218 -18.45 -7.18 -35.24
C ASP B 218 -17.81 -8.45 -35.79
N GLY B 219 -18.09 -9.57 -35.14
CA GLY B 219 -17.44 -10.82 -35.46
C GLY B 219 -16.30 -11.04 -34.48
N LYS B 220 -16.17 -10.14 -33.52
CA LYS B 220 -15.11 -10.30 -32.52
C LYS B 220 -15.55 -11.04 -31.26
N HIS B 221 -14.81 -12.09 -30.93
CA HIS B 221 -15.15 -12.94 -29.79
C HIS B 221 -14.99 -12.15 -28.50
N TRP B 222 -15.82 -12.48 -27.51
CA TRP B 222 -15.79 -11.79 -26.23
C TRP B 222 -14.40 -11.48 -25.70
N TRP B 223 -13.51 -12.47 -25.65
CA TRP B 223 -12.24 -12.31 -24.96
C TRP B 223 -11.43 -11.11 -25.44
N GLU B 224 -11.56 -10.77 -26.72
CA GLU B 224 -10.81 -9.68 -27.30
C GLU B 224 -11.07 -8.37 -26.58
N TYR B 225 -12.26 -8.24 -26.01
CA TYR B 225 -12.64 -7.06 -25.25
C TYR B 225 -12.06 -7.09 -23.86
N VAL B 226 -11.38 -8.18 -23.51
CA VAL B 226 -10.75 -8.34 -22.20
C VAL B 226 -9.23 -8.38 -22.31
N ASP B 227 -8.72 -8.58 -23.53
CA ASP B 227 -7.28 -8.75 -23.81
C ASP B 227 -7.01 -9.21 -25.23
N ALA B 228 -6.31 -8.37 -26.00
CA ALA B 228 -6.13 -8.66 -27.45
C ALA B 228 -4.96 -9.62 -27.75
N THR B 229 -4.14 -9.87 -26.73
CA THR B 229 -3.07 -10.85 -26.87
C THR B 229 -3.62 -12.27 -26.91
N VAL B 230 -4.86 -12.44 -26.47
CA VAL B 230 -5.40 -13.78 -26.30
C VAL B 230 -5.99 -14.31 -27.59
N THR B 231 -5.83 -15.62 -27.80
CA THR B 231 -6.33 -16.29 -29.01
C THR B 231 -6.98 -17.65 -28.71
N LEU B 232 -7.87 -18.09 -29.59
CA LEU B 232 -8.53 -19.36 -29.44
C LEU B 232 -7.51 -20.48 -29.30
N GLU B 233 -6.47 -20.46 -30.14
CA GLU B 233 -5.39 -21.45 -30.06
C GLU B 233 -4.96 -21.62 -28.61
N LEU B 234 -4.65 -20.48 -27.97
CA LEU B 234 -4.17 -20.46 -26.60
C LEU B 234 -5.25 -20.97 -25.66
N LEU B 235 -6.35 -20.25 -25.55
CA LEU B 235 -7.46 -20.68 -24.71
C LEU B 235 -7.78 -22.17 -24.79
N ASP B 236 -7.89 -22.70 -26.01
CA ASP B 236 -8.17 -24.12 -26.19
C ASP B 236 -7.08 -24.99 -25.57
N GLU B 237 -5.83 -24.70 -25.91
CA GLU B 237 -4.71 -25.49 -25.33
C GLU B 237 -4.70 -25.40 -23.81
N LEU B 238 -4.98 -24.22 -23.28
CA LEU B 238 -4.88 -24.00 -21.83
C LEU B 238 -6.01 -24.65 -21.05
N THR B 239 -7.25 -24.46 -21.50
CA THR B 239 -8.39 -25.14 -20.85
C THR B 239 -8.20 -26.66 -20.91
N HIS B 240 -7.56 -27.14 -21.98
CA HIS B 240 -7.42 -28.60 -22.06
C HIS B 240 -6.55 -28.99 -20.86
N GLU B 241 -5.41 -28.30 -20.74
CA GLU B 241 -4.47 -28.57 -19.66
C GLU B 241 -5.13 -28.47 -18.31
N LEU B 242 -5.89 -27.41 -18.09
CA LEU B 242 -6.60 -27.24 -16.83
C LEU B 242 -7.65 -28.33 -16.62
N LEU B 243 -8.47 -28.57 -17.64
CA LEU B 243 -9.49 -29.63 -17.50
C LEU B 243 -8.85 -30.98 -17.14
N GLN B 244 -7.70 -31.28 -17.73
CA GLN B 244 -7.07 -32.59 -17.50
C GLN B 244 -6.79 -32.83 -16.03
N ILE B 245 -6.23 -31.82 -15.37
CA ILE B 245 -5.77 -31.97 -13.99
C ILE B 245 -6.99 -31.91 -13.08
N LEU B 246 -8.01 -31.21 -13.50
CA LEU B 246 -9.26 -31.28 -12.72
C LEU B 246 -9.78 -32.72 -12.66
N GLU B 247 -9.75 -33.38 -13.82
CA GLU B 247 -10.23 -34.76 -13.96
C GLU B 247 -9.44 -35.68 -13.01
N LYS B 248 -8.20 -35.30 -12.77
CA LYS B 248 -7.29 -36.02 -11.90
C LYS B 248 -7.62 -35.80 -10.43
N THR B 249 -8.18 -34.65 -10.08
CA THR B 249 -8.45 -34.33 -8.69
C THR B 249 -9.77 -34.85 -8.15
N PRO B 250 -9.70 -35.87 -7.28
CA PRO B 250 -10.92 -36.54 -6.78
C PRO B 250 -11.96 -35.57 -6.21
N ASN B 251 -13.20 -35.65 -6.69
CA ASN B 251 -14.29 -34.88 -6.14
C ASN B 251 -14.36 -33.42 -6.52
N ARG B 252 -13.25 -32.85 -6.98
CA ARG B 252 -13.20 -31.47 -7.45
C ARG B 252 -14.31 -31.25 -8.48
N LEU B 253 -14.30 -32.04 -9.56
CA LEU B 253 -15.30 -31.82 -10.65
C LEU B 253 -16.70 -32.12 -10.20
N LYS B 254 -16.82 -33.03 -9.22
CA LYS B 254 -18.14 -33.37 -8.69
C LYS B 254 -18.84 -32.11 -8.20
N ARG B 255 -18.06 -31.15 -7.72
CA ARG B 255 -18.60 -29.96 -7.12
C ARG B 255 -19.42 -29.12 -8.07
N ILE B 256 -19.13 -29.19 -9.36
CA ILE B 256 -19.82 -28.40 -10.34
C ILE B 256 -20.58 -29.27 -11.35
N TRP B 257 -20.68 -30.55 -11.08
CA TRP B 257 -21.26 -31.45 -12.08
C TRP B 257 -22.80 -31.32 -12.04
N ASN B 258 -23.41 -31.07 -13.19
CA ASN B 258 -24.85 -30.93 -13.20
C ASN B 258 -25.52 -32.27 -12.97
N TRP B 259 -25.84 -32.52 -11.71
CA TRP B 259 -26.33 -33.81 -11.30
C TRP B 259 -27.72 -34.11 -11.83
N ARG B 260 -28.52 -33.07 -12.06
CA ARG B 260 -29.90 -33.27 -12.53
C ARG B 260 -29.92 -34.08 -13.81
#